data_4TW8
#
_entry.id   4TW8
#
_cell.length_a   45.654
_cell.length_b   46.351
_cell.length_c   310.064
_cell.angle_alpha   90.000
_cell.angle_beta   90.000
_cell.angle_gamma   90.000
#
_symmetry.space_group_name_H-M   'P 21 21 21'
#
loop_
_entity.id
_entity.type
_entity.pdbx_description
1 polymer 'Peptidyl-prolyl cis-trans isomerase FKBP4'
2 non-polymer '2-(5-{[({3-[(1R)-1-[({(2S)-1-[(2S)-2-[(1S)-cyclohex-2-en-1-yl]-2-(3,4,5-trimethoxyphenyl)acetyl]piperidin-2-yl}carbonyl)oxy]-3-(3,4-dimethoxyphenyl)propyl]phenoxy}acetyl)amino]methyl}-6-hydroxy-3-oxo-3H-xanthen-9-yl)benzoic acid'
3 water water
#
_entity_poly.entity_id   1
_entity_poly.type   'polypeptide(L)'
_entity_poly.pdbx_seq_one_letter_code
;EGVDISPKQDEGVLKVIKREGTGTEMPMIGDRVFVHYTGWLLDGTKFDSSLDRKDKFSFDLGKGEVIKAWDIAIATMKVG
EVCHITCKPEYAYGSAGSPPKIPPNATLVFEVELFEFKGEDLTEEEDGGIIRRIQTRGEGYAKPNEGAIVEVALEGYYKD
KLFDQRELRFEIGEGENLDLPYGLERAIQRMEKGEHSIVYLKPSYAFGSVGKEKFQIPPNAELKYELHLKSFEKA
;
_entity_poly.pdbx_strand_id   A,B
#
loop_
_chem_comp.id
_chem_comp.type
_chem_comp.name
_chem_comp.formula
37M non-polymer '2-(5-{[({3-[(1R)-1-[({(2S)-1-[(2S)-2-[(1S)-cyclohex-2-en-1-yl]-2-(3,4,5-trimethoxyphenyl)acetyl]piperidin-2-yl}carbonyl)oxy]-3-(3,4-dimethoxyphenyl)propyl]phenoxy}acetyl)amino]methyl}-6-hydroxy-3-oxo-3H-xanthen-9-yl)benzoic acid' 'C63 H64 N2 O15'
#
# COMPACT_ATOMS: atom_id res chain seq x y z
N GLU A 1 -7.73 -18.39 2.50
CA GLU A 1 -6.91 -18.59 1.26
C GLU A 1 -5.46 -18.99 1.58
N GLY A 2 -4.85 -18.35 2.57
CA GLY A 2 -3.44 -18.55 2.88
C GLY A 2 -3.14 -19.42 4.09
N VAL A 3 -2.05 -19.07 4.78
CA VAL A 3 -1.53 -19.87 5.89
C VAL A 3 -2.33 -19.67 7.16
N ASP A 4 -2.72 -20.77 7.81
CA ASP A 4 -3.35 -20.72 9.13
C ASP A 4 -2.31 -20.39 10.19
N ILE A 5 -2.49 -19.22 10.81
CA ILE A 5 -1.58 -18.74 11.86
C ILE A 5 -2.20 -18.71 13.26
N SER A 6 -3.42 -19.24 13.38
CA SER A 6 -4.04 -19.39 14.69
C SER A 6 -3.16 -20.30 15.58
N PRO A 7 -2.94 -19.87 16.84
CA PRO A 7 -2.11 -20.62 17.79
C PRO A 7 -2.63 -22.04 18.02
N LYS A 8 -3.96 -22.16 18.06
CA LYS A 8 -4.61 -23.46 18.28
C LYS A 8 -4.69 -24.29 16.99
N GLN A 9 -4.49 -23.62 15.85
CA GLN A 9 -4.61 -24.22 14.50
C GLN A 9 -6.03 -24.71 14.23
N ASP A 10 -6.95 -23.76 14.10
CA ASP A 10 -8.34 -24.07 13.80
C ASP A 10 -8.86 -23.25 12.61
N GLU A 11 -7.93 -22.88 11.73
CA GLU A 11 -8.20 -22.04 10.56
C GLU A 11 -8.91 -20.74 10.92
N GLY A 12 -8.79 -20.33 12.18
CA GLY A 12 -9.43 -19.13 12.70
C GLY A 12 -8.86 -17.82 12.18
N VAL A 13 -7.58 -17.81 11.87
CA VAL A 13 -6.92 -16.65 11.29
C VAL A 13 -6.07 -17.10 10.11
N LEU A 14 -6.37 -16.57 8.92
CA LEU A 14 -5.64 -16.92 7.71
C LEU A 14 -4.83 -15.73 7.20
N LYS A 15 -3.63 -15.99 6.72
CA LYS A 15 -2.74 -14.93 6.31
C LYS A 15 -2.12 -15.19 4.95
N VAL A 16 -2.29 -14.21 4.07
CA VAL A 16 -1.61 -14.16 2.78
C VAL A 16 -0.69 -12.95 2.81
N ILE A 17 0.56 -13.12 2.38
CA ILE A 17 1.50 -12.01 2.25
C ILE A 17 1.39 -11.37 0.87
N LYS A 18 0.99 -10.09 0.87
CA LYS A 18 0.87 -9.32 -0.37
C LYS A 18 2.20 -8.71 -0.77
N ARG A 19 2.98 -8.28 0.22
CA ARG A 19 4.32 -7.75 -0.02
C ARG A 19 5.24 -8.10 1.14
N GLU A 20 6.37 -8.72 0.82
CA GLU A 20 7.34 -9.15 1.83
C GLU A 20 8.00 -7.96 2.53
N GLY A 21 8.26 -8.12 3.82
CA GLY A 21 8.87 -7.06 4.61
C GLY A 21 10.39 -7.03 4.54
N THR A 22 10.99 -6.30 5.47
CA THR A 22 12.44 -6.16 5.55
C THR A 22 12.96 -6.53 6.95
N GLY A 23 14.14 -7.15 6.99
CA GLY A 23 14.76 -7.54 8.27
C GLY A 23 14.18 -8.78 8.92
N THR A 24 14.91 -9.31 9.91
CA THR A 24 14.58 -10.60 10.53
C THR A 24 13.52 -10.56 11.62
N GLU A 25 13.46 -9.46 12.36
CA GLU A 25 12.62 -9.40 13.56
C GLU A 25 11.14 -9.17 13.29
N MET A 26 10.33 -9.54 14.28
CA MET A 26 8.91 -9.22 14.33
C MET A 26 8.62 -8.58 15.69
N PRO A 27 7.47 -7.89 15.83
CA PRO A 27 7.15 -7.36 17.15
C PRO A 27 6.92 -8.47 18.17
N MET A 28 7.39 -8.26 19.39
CA MET A 28 7.09 -9.19 20.48
C MET A 28 6.02 -8.61 21.41
N ILE A 29 5.54 -9.43 22.33
CA ILE A 29 4.47 -9.04 23.24
C ILE A 29 4.82 -7.77 24.04
N GLY A 30 3.88 -6.84 24.11
CA GLY A 30 4.08 -5.60 24.86
C GLY A 30 4.65 -4.47 24.03
N ASP A 31 5.22 -4.81 22.87
CA ASP A 31 5.69 -3.81 21.93
C ASP A 31 4.54 -2.96 21.43
N ARG A 32 4.82 -1.68 21.22
CA ARG A 32 3.88 -0.78 20.57
C ARG A 32 4.10 -0.88 19.05
N VAL A 33 3.03 -1.01 18.28
CA VAL A 33 3.16 -1.17 16.83
C VAL A 33 2.45 -0.09 16.02
N PHE A 34 2.92 0.16 14.80
CA PHE A 34 2.36 1.20 13.94
C PHE A 34 1.96 0.64 12.58
N VAL A 35 0.65 0.61 12.31
CA VAL A 35 0.11 0.06 11.06
C VAL A 35 -0.84 1.01 10.35
N HIS A 36 -1.07 0.75 9.07
CA HIS A 36 -2.23 1.28 8.37
C HIS A 36 -3.04 0.08 7.90
N TYR A 37 -4.37 0.21 7.92
CA TYR A 37 -5.24 -0.92 7.55
C TYR A 37 -6.41 -0.52 6.65
N THR A 38 -7.03 -1.54 6.06
CA THR A 38 -8.31 -1.43 5.38
C THR A 38 -9.05 -2.72 5.71
N GLY A 39 -10.26 -2.58 6.25
CA GLY A 39 -11.02 -3.73 6.73
C GLY A 39 -12.44 -3.76 6.21
N TRP A 40 -12.98 -4.97 6.12
CA TRP A 40 -14.33 -5.20 5.60
C TRP A 40 -14.86 -6.55 6.06
N LEU A 41 -16.19 -6.62 6.17
CA LEU A 41 -16.92 -7.86 6.39
C LEU A 41 -16.75 -8.74 5.15
N LEU A 42 -16.73 -10.06 5.33
CA LEU A 42 -16.50 -10.96 4.21
C LEU A 42 -17.40 -10.63 3.02
N ASP A 43 -18.66 -10.33 3.30
CA ASP A 43 -19.62 -9.94 2.25
C ASP A 43 -19.25 -8.63 1.53
N GLY A 44 -18.61 -7.72 2.25
CA GLY A 44 -18.22 -6.41 1.71
C GLY A 44 -19.37 -5.44 1.66
N THR A 45 -19.99 -5.18 2.81
CA THR A 45 -21.08 -4.21 2.90
C THR A 45 -20.76 -3.02 3.82
N LYS A 46 -19.74 -3.16 4.64
CA LYS A 46 -19.21 -2.06 5.45
C LYS A 46 -17.68 -2.01 5.30
N PHE A 47 -17.15 -0.80 5.22
CA PHE A 47 -15.72 -0.58 5.04
C PHE A 47 -15.14 0.35 6.09
N ASP A 48 -13.90 0.09 6.45
CA ASP A 48 -13.19 0.91 7.41
C ASP A 48 -11.71 0.92 7.04
N SER A 49 -11.05 2.01 7.39
CA SER A 49 -9.62 2.19 7.13
C SER A 49 -9.04 3.18 8.13
N SER A 50 -7.72 3.13 8.31
CA SER A 50 -7.01 4.11 9.12
C SER A 50 -6.40 5.21 8.27
N LEU A 51 -6.50 5.05 6.95
CA LEU A 51 -5.74 5.87 6.00
C LEU A 51 -6.06 7.35 6.04
N ASP A 52 -7.24 7.71 6.55
CA ASP A 52 -7.66 9.09 6.58
C ASP A 52 -6.87 9.94 7.58
N ARG A 53 -6.31 9.30 8.62
CA ARG A 53 -5.54 10.01 9.65
C ARG A 53 -4.10 10.29 9.18
N LYS A 54 -3.57 11.43 9.61
CA LYS A 54 -2.17 11.78 9.35
C LYS A 54 -1.20 10.79 10.01
N ASP A 55 -1.56 10.32 11.20
CA ASP A 55 -0.74 9.40 11.99
C ASP A 55 -1.15 7.96 11.77
N LYS A 56 -0.18 7.05 11.83
CA LYS A 56 -0.45 5.61 11.77
C LYS A 56 -1.39 5.14 12.89
N PHE A 57 -2.20 4.12 12.61
CA PHE A 57 -2.98 3.44 13.64
C PHE A 57 -2.00 2.71 14.51
N SER A 58 -2.09 2.93 15.82
CA SER A 58 -1.15 2.34 16.76
C SER A 58 -1.82 1.79 18.00
N PHE A 59 -1.20 0.76 18.58
CA PHE A 59 -1.65 0.12 19.82
C PHE A 59 -0.52 -0.72 20.43
N ASP A 60 -0.77 -1.29 21.61
CA ASP A 60 0.18 -2.19 22.28
C ASP A 60 -0.21 -3.66 22.06
N LEU A 61 0.76 -4.44 21.58
CA LEU A 61 0.52 -5.82 21.18
C LEU A 61 0.37 -6.75 22.39
N GLY A 62 -0.67 -7.57 22.36
CA GLY A 62 -0.89 -8.58 23.39
C GLY A 62 -1.81 -8.18 24.52
N LYS A 63 -1.98 -6.87 24.71
CA LYS A 63 -2.74 -6.32 25.84
C LYS A 63 -4.27 -6.39 25.66
N GLY A 64 -4.72 -6.95 24.55
CA GLY A 64 -6.15 -7.07 24.25
C GLY A 64 -6.82 -5.76 23.87
N GLU A 65 -6.08 -4.87 23.20
CA GLU A 65 -6.59 -3.57 22.78
C GLU A 65 -7.32 -3.66 21.45
N VAL A 66 -7.16 -4.80 20.79
CA VAL A 66 -7.77 -5.04 19.49
C VAL A 66 -8.29 -6.47 19.46
N ILE A 67 -9.09 -6.79 18.44
CA ILE A 67 -9.58 -8.15 18.23
C ILE A 67 -8.45 -9.16 18.31
N LYS A 68 -8.74 -10.31 18.92
CA LYS A 68 -7.74 -11.35 19.12
C LYS A 68 -6.92 -11.61 17.85
N ALA A 69 -7.59 -11.58 16.70
CA ALA A 69 -6.95 -11.78 15.41
C ALA A 69 -5.72 -10.88 15.21
N TRP A 70 -5.88 -9.59 15.48
CA TRP A 70 -4.79 -8.63 15.29
C TRP A 70 -3.65 -8.92 16.24
N ASP A 71 -3.94 -9.10 17.53
CA ASP A 71 -2.93 -9.53 18.51
C ASP A 71 -2.15 -10.75 18.00
N ILE A 72 -2.84 -11.65 17.29
CA ILE A 72 -2.18 -12.80 16.68
C ILE A 72 -1.43 -12.38 15.42
N ALA A 73 -2.15 -11.71 14.51
CA ALA A 73 -1.66 -11.50 13.14
C ALA A 73 -0.41 -10.66 13.10
N ILE A 74 -0.43 -9.56 13.84
CA ILE A 74 0.66 -8.57 13.81
C ILE A 74 1.98 -9.16 14.35
N ALA A 75 1.88 -9.98 15.39
CA ALA A 75 3.06 -10.65 15.95
C ALA A 75 3.74 -11.61 14.96
N THR A 76 3.25 -11.65 13.73
CA THR A 76 3.84 -12.49 12.69
C THR A 76 4.42 -11.63 11.56
N MET A 77 4.22 -10.32 11.65
CA MET A 77 4.61 -9.40 10.58
C MET A 77 6.02 -8.81 10.73
N LYS A 78 6.61 -8.39 9.62
CA LYS A 78 7.92 -7.73 9.64
C LYS A 78 7.76 -6.30 9.18
N VAL A 79 8.80 -5.49 9.36
CA VAL A 79 8.75 -4.10 8.93
C VAL A 79 8.60 -4.03 7.42
N GLY A 80 7.54 -3.36 6.96
CA GLY A 80 7.31 -3.14 5.54
C GLY A 80 6.51 -4.25 4.92
N GLU A 81 6.00 -5.13 5.76
CA GLU A 81 5.18 -6.24 5.30
C GLU A 81 3.78 -5.72 5.03
N VAL A 82 3.16 -6.21 3.94
CA VAL A 82 1.77 -5.94 3.66
C VAL A 82 1.09 -7.29 3.54
N CYS A 83 0.01 -7.49 4.29
CA CYS A 83 -0.65 -8.78 4.26
C CYS A 83 -2.16 -8.68 4.34
N HIS A 84 -2.82 -9.80 4.03
CA HIS A 84 -4.27 -9.95 4.09
C HIS A 84 -4.65 -10.95 5.17
N ILE A 85 -5.43 -10.52 6.15
CA ILE A 85 -5.85 -11.42 7.21
C ILE A 85 -7.35 -11.66 7.26
N THR A 86 -7.73 -12.92 7.17
CA THR A 86 -9.13 -13.32 7.29
C THR A 86 -9.40 -13.79 8.72
N CYS A 87 -10.44 -13.20 9.32
CA CYS A 87 -10.71 -13.37 10.74
C CYS A 87 -12.08 -14.00 11.00
N LYS A 88 -12.09 -15.31 11.27
CA LYS A 88 -13.29 -16.04 11.69
C LYS A 88 -13.82 -15.39 12.97
N PRO A 89 -15.16 -15.38 13.17
CA PRO A 89 -15.80 -14.65 14.28
C PRO A 89 -15.25 -15.04 15.64
N GLU A 90 -14.87 -16.31 15.77
CA GLU A 90 -14.20 -16.83 16.97
C GLU A 90 -13.09 -15.88 17.41
N TYR A 91 -12.26 -15.46 16.47
CA TYR A 91 -11.12 -14.61 16.77
C TYR A 91 -11.40 -13.13 16.47
N ALA A 92 -12.69 -12.77 16.49
CA ALA A 92 -13.09 -11.39 16.30
C ALA A 92 -14.23 -11.02 17.27
N TYR A 93 -15.47 -11.12 16.81
CA TYR A 93 -16.62 -10.65 17.61
C TYR A 93 -17.64 -11.74 17.98
N GLY A 94 -17.49 -12.93 17.39
CA GLY A 94 -18.28 -14.11 17.78
C GLY A 94 -19.78 -13.96 17.67
N SER A 95 -20.49 -14.61 18.61
CA SER A 95 -21.96 -14.73 18.60
C SER A 95 -22.70 -13.39 18.51
N ALA A 96 -22.48 -12.54 19.50
CA ALA A 96 -23.20 -11.26 19.61
C ALA A 96 -22.75 -10.24 18.55
N GLY A 97 -21.46 -10.23 18.24
CA GLY A 97 -20.90 -9.23 17.34
C GLY A 97 -20.70 -7.93 18.10
N SER A 98 -20.86 -6.80 17.40
CA SER A 98 -20.79 -5.48 18.04
C SER A 98 -21.77 -4.50 17.38
N PRO A 99 -23.08 -4.64 17.67
CA PRO A 99 -24.08 -3.76 17.07
C PRO A 99 -23.86 -2.31 17.49
N PRO A 100 -24.11 -1.35 16.56
CA PRO A 100 -24.65 -1.58 15.22
C PRO A 100 -23.61 -1.96 14.16
N LYS A 101 -22.34 -1.59 14.40
CA LYS A 101 -21.23 -1.81 13.47
C LYS A 101 -21.19 -3.20 12.82
N ILE A 102 -21.00 -4.23 13.64
CA ILE A 102 -20.68 -5.56 13.16
C ILE A 102 -21.74 -6.61 13.51
N PRO A 103 -22.37 -7.21 12.47
CA PRO A 103 -23.45 -8.19 12.64
C PRO A 103 -22.97 -9.53 13.22
N PRO A 104 -23.89 -10.31 13.82
CA PRO A 104 -23.62 -11.63 14.38
C PRO A 104 -22.81 -12.54 13.46
N ASN A 105 -21.82 -13.21 14.05
CA ASN A 105 -20.99 -14.22 13.37
C ASN A 105 -20.37 -13.76 12.06
N ALA A 106 -19.86 -12.53 12.06
CA ALA A 106 -19.20 -11.98 10.89
C ALA A 106 -17.74 -12.42 10.83
N THR A 107 -17.31 -12.84 9.63
CA THR A 107 -15.90 -13.01 9.31
C THR A 107 -15.41 -11.67 8.80
N LEU A 108 -14.25 -11.24 9.28
CA LEU A 108 -13.66 -9.98 8.83
C LEU A 108 -12.36 -10.21 8.05
N VAL A 109 -12.07 -9.33 7.10
CA VAL A 109 -10.82 -9.39 6.35
C VAL A 109 -10.14 -8.04 6.43
N PHE A 110 -8.83 -8.05 6.67
CA PHE A 110 -8.02 -6.83 6.76
C PHE A 110 -6.82 -6.85 5.80
N GLU A 111 -6.53 -5.69 5.20
CA GLU A 111 -5.23 -5.45 4.59
C GLU A 111 -4.43 -4.64 5.60
N VAL A 112 -3.31 -5.18 6.04
CA VAL A 112 -2.52 -4.54 7.09
C VAL A 112 -1.09 -4.32 6.61
N GLU A 113 -0.57 -3.13 6.88
CA GLU A 113 0.82 -2.81 6.60
C GLU A 113 1.50 -2.34 7.87
N LEU A 114 2.55 -3.04 8.27
CA LEU A 114 3.29 -2.72 9.48
C LEU A 114 4.48 -1.82 9.14
N PHE A 115 4.43 -0.58 9.61
CA PHE A 115 5.48 0.40 9.36
C PHE A 115 6.59 0.37 10.41
N GLU A 116 6.22 0.31 11.68
CA GLU A 116 7.16 0.53 12.77
C GLU A 116 6.70 -0.18 14.03
N PHE A 117 7.65 -0.72 14.80
CA PHE A 117 7.39 -1.23 16.15
C PHE A 117 8.55 -0.95 17.10
N LYS A 118 8.23 -0.60 18.34
CA LYS A 118 9.23 -0.21 19.31
C LYS A 118 8.88 -0.71 20.71
N GLY A 119 9.89 -0.97 21.52
CA GLY A 119 9.66 -1.38 22.91
C GLY A 119 8.92 -0.34 23.73
N GLU A 120 8.48 -0.73 24.93
CA GLU A 120 7.76 0.17 25.81
C GLU A 120 8.72 1.07 26.58
N ASP A 121 8.44 2.37 26.56
CA ASP A 121 9.18 3.37 27.33
C ASP A 121 8.62 3.36 28.75
N LEU A 122 9.47 2.99 29.71
CA LEU A 122 8.99 2.79 31.08
C LEU A 122 9.15 4.05 31.94
N THR A 123 9.85 5.06 31.42
CA THR A 123 10.10 6.30 32.15
C THR A 123 8.84 7.15 32.31
N GLU A 124 8.63 7.68 33.52
CA GLU A 124 7.48 8.54 33.82
C GLU A 124 7.33 9.72 32.84
N GLU A 125 8.45 10.18 32.30
CA GLU A 125 8.45 11.35 31.42
C GLU A 125 8.49 10.99 29.92
N GLU A 126 8.64 9.71 29.62
CA GLU A 126 8.77 9.22 28.24
C GLU A 126 9.93 9.87 27.50
N ASP A 127 11.14 9.73 28.05
CA ASP A 127 12.33 10.30 27.42
C ASP A 127 13.23 9.26 26.74
N GLY A 128 12.77 8.01 26.71
CA GLY A 128 13.52 6.94 26.05
C GLY A 128 14.67 6.47 26.90
N GLY A 129 14.60 6.77 28.19
CA GLY A 129 15.66 6.43 29.13
C GLY A 129 15.65 4.96 29.50
N ILE A 130 14.45 4.39 29.62
CA ILE A 130 14.27 2.95 29.91
C ILE A 130 13.31 2.31 28.91
N ILE A 131 13.81 1.39 28.11
CA ILE A 131 12.98 0.72 27.11
C ILE A 131 12.98 -0.77 27.41
N ARG A 132 11.80 -1.38 27.41
CA ARG A 132 11.69 -2.80 27.70
C ARG A 132 11.23 -3.58 26.49
N ARG A 133 11.80 -4.78 26.31
CA ARG A 133 11.31 -5.75 25.33
C ARG A 133 11.01 -7.03 26.10
N ILE A 134 9.76 -7.48 26.04
CA ILE A 134 9.34 -8.65 26.82
C ILE A 134 9.71 -9.94 26.11
N GLN A 135 10.37 -10.83 26.83
CA GLN A 135 10.71 -12.16 26.31
C GLN A 135 9.60 -13.17 26.62
N THR A 136 9.14 -13.18 27.87
CA THR A 136 8.07 -14.07 28.32
C THR A 136 7.11 -13.29 29.22
N ARG A 137 5.84 -13.29 28.85
CA ARG A 137 4.80 -12.69 29.66
C ARG A 137 4.75 -13.39 31.00
N GLY A 138 4.59 -12.62 32.07
CA GLY A 138 4.46 -13.20 33.39
C GLY A 138 3.01 -13.46 33.76
N GLU A 139 2.81 -14.32 34.75
CA GLU A 139 1.47 -14.56 35.25
C GLU A 139 1.27 -13.78 36.54
N GLY A 140 0.30 -12.87 36.50
CA GLY A 140 0.10 -11.88 37.54
C GLY A 140 -0.27 -10.57 36.85
N TYR A 141 -0.43 -9.52 37.64
CA TYR A 141 -0.70 -8.16 37.15
C TYR A 141 -0.23 -7.21 38.23
N ALA A 142 -0.11 -7.74 39.45
CA ALA A 142 0.53 -7.04 40.55
C ALA A 142 1.99 -6.82 40.20
N LYS A 143 2.56 -5.75 40.77
CA LYS A 143 3.93 -5.33 40.50
C LYS A 143 4.55 -4.88 41.81
N PRO A 144 5.90 -4.90 41.91
CA PRO A 144 6.57 -4.38 43.11
C PRO A 144 6.33 -2.89 43.32
N ASN A 145 6.41 -2.47 44.59
CA ASN A 145 6.35 -1.06 44.96
C ASN A 145 7.57 -0.75 45.82
N GLU A 146 7.85 0.54 46.03
CA GLU A 146 9.07 0.94 46.73
C GLU A 146 9.10 0.37 48.14
N GLY A 147 10.12 -0.46 48.42
CA GLY A 147 10.25 -1.12 49.71
C GLY A 147 9.97 -2.61 49.68
N ALA A 148 9.54 -3.09 48.52
CA ALA A 148 9.24 -4.51 48.33
C ALA A 148 10.51 -5.37 48.25
N ILE A 149 10.38 -6.65 48.59
CA ILE A 149 11.48 -7.60 48.53
C ILE A 149 11.31 -8.49 47.31
N VAL A 150 12.30 -8.49 46.43
CA VAL A 150 12.20 -9.20 45.16
C VAL A 150 13.24 -10.31 45.00
N GLU A 151 12.89 -11.36 44.28
CA GLU A 151 13.84 -12.36 43.83
C GLU A 151 14.01 -12.22 42.33
N VAL A 152 15.20 -11.80 41.90
CA VAL A 152 15.49 -11.55 40.48
C VAL A 152 16.69 -12.35 39.95
N ALA A 153 16.66 -12.60 38.64
CA ALA A 153 17.82 -13.08 37.93
C ALA A 153 18.21 -12.00 36.94
N LEU A 154 19.42 -11.47 37.07
CA LEU A 154 19.86 -10.33 36.27
C LEU A 154 21.20 -10.55 35.56
N GLU A 155 21.30 -10.05 34.32
CA GLU A 155 22.54 -10.11 33.53
C GLU A 155 22.78 -8.78 32.82
N GLY A 156 23.87 -8.12 33.18
CA GLY A 156 24.21 -6.83 32.62
C GLY A 156 25.20 -6.92 31.48
N TYR A 157 24.95 -6.16 30.43
CA TYR A 157 25.81 -6.12 29.26
C TYR A 157 26.23 -4.71 28.95
N TYR A 158 27.52 -4.53 28.71
CA TYR A 158 28.03 -3.30 28.15
C TYR A 158 28.64 -3.60 26.80
N LYS A 159 28.05 -3.02 25.76
CA LYS A 159 28.48 -3.24 24.38
C LYS A 159 28.55 -4.74 24.08
N ASP A 160 27.42 -5.41 24.35
CA ASP A 160 27.26 -6.85 24.17
C ASP A 160 28.30 -7.66 24.94
N LYS A 161 28.67 -7.17 26.12
CA LYS A 161 29.63 -7.89 26.94
C LYS A 161 29.18 -7.95 28.40
N LEU A 162 28.96 -9.18 28.86
CA LEU A 162 28.53 -9.47 30.22
C LEU A 162 29.52 -8.96 31.28
N PHE A 163 29.01 -8.20 32.24
CA PHE A 163 29.82 -7.66 33.33
C PHE A 163 29.26 -7.96 34.73
N ASP A 164 28.01 -8.42 34.77
CA ASP A 164 27.30 -8.69 36.02
C ASP A 164 26.25 -9.77 35.80
N GLN A 165 26.26 -10.78 36.67
CA GLN A 165 25.33 -11.89 36.57
C GLN A 165 25.07 -12.48 37.95
N ARG A 166 23.85 -12.31 38.44
CA ARG A 166 23.49 -12.73 39.80
C ARG A 166 22.04 -13.19 39.90
N GLU A 167 21.77 -13.97 40.94
CA GLU A 167 20.42 -14.35 41.33
C GLU A 167 20.23 -13.83 42.73
N LEU A 168 19.62 -12.66 42.88
CA LEU A 168 19.53 -12.07 44.20
C LEU A 168 18.14 -11.69 44.68
N ARG A 169 18.04 -11.60 46.00
CA ARG A 169 16.86 -11.18 46.72
C ARG A 169 17.25 -9.87 47.39
N PHE A 170 16.60 -8.77 46.97
CA PHE A 170 16.86 -7.45 47.55
C PHE A 170 15.59 -6.62 47.74
N GLU A 171 15.78 -5.40 48.23
CA GLU A 171 14.67 -4.50 48.52
C GLU A 171 14.62 -3.36 47.50
N ILE A 172 13.46 -3.11 46.93
CA ILE A 172 13.30 -1.95 46.06
C ILE A 172 13.61 -0.70 46.87
N GLY A 173 14.60 0.06 46.40
CA GLY A 173 15.05 1.25 47.12
C GLY A 173 16.39 1.04 47.79
N GLU A 174 16.97 -0.15 47.60
CA GLU A 174 18.26 -0.47 48.20
C GLU A 174 19.22 -1.13 47.22
N GLY A 175 18.94 -1.01 45.92
CA GLY A 175 19.73 -1.66 44.88
C GLY A 175 21.11 -1.04 44.69
N GLU A 176 21.24 0.20 45.13
CA GLU A 176 22.48 0.95 44.99
C GLU A 176 23.66 0.26 45.68
N ASN A 177 23.43 -0.26 46.89
CA ASN A 177 24.45 -1.01 47.66
C ASN A 177 24.89 -2.32 47.02
N LEU A 178 24.01 -2.86 46.17
CA LEU A 178 24.29 -4.09 45.47
C LEU A 178 24.68 -3.79 44.02
N ASP A 179 25.17 -2.57 43.79
CA ASP A 179 25.63 -2.12 42.47
C ASP A 179 24.58 -2.27 41.34
N LEU A 180 23.31 -2.05 41.66
CA LEU A 180 22.29 -2.05 40.61
C LEU A 180 21.95 -0.62 40.22
N PRO A 181 21.97 -0.30 38.92
CA PRO A 181 21.66 1.05 38.47
C PRO A 181 20.19 1.41 38.73
N TYR A 182 19.90 2.69 38.94
CA TYR A 182 18.56 3.15 39.28
C TYR A 182 17.47 2.69 38.32
N GLY A 183 17.74 2.83 37.03
CA GLY A 183 16.79 2.42 35.98
C GLY A 183 16.33 0.99 36.11
N LEU A 184 17.22 0.11 36.55
CA LEU A 184 16.88 -1.29 36.75
C LEU A 184 15.83 -1.44 37.84
N GLU A 185 16.08 -0.83 38.98
CA GLU A 185 15.13 -0.84 40.08
C GLU A 185 13.76 -0.35 39.63
N ARG A 186 13.75 0.66 38.76
CA ARG A 186 12.50 1.21 38.24
C ARG A 186 11.85 0.29 37.21
N ALA A 187 12.67 -0.46 36.49
CA ALA A 187 12.16 -1.45 35.54
C ALA A 187 11.48 -2.62 36.27
N ILE A 188 12.08 -3.10 37.35
CA ILE A 188 11.54 -4.21 38.13
C ILE A 188 10.15 -3.86 38.63
N GLN A 189 9.98 -2.60 39.02
CA GLN A 189 8.71 -2.12 39.55
C GLN A 189 7.61 -2.12 38.49
N ARG A 190 8.00 -2.37 37.25
CA ARG A 190 7.07 -2.45 36.13
C ARG A 190 6.81 -3.87 35.62
N MET A 191 7.50 -4.84 36.20
CA MET A 191 7.38 -6.22 35.76
C MET A 191 6.38 -7.02 36.61
N GLU A 192 5.88 -8.12 36.05
CA GLU A 192 4.98 -9.03 36.76
C GLU A 192 5.73 -10.29 37.18
N LYS A 193 5.13 -11.07 38.07
CA LYS A 193 5.72 -12.35 38.48
C LYS A 193 6.01 -13.25 37.25
N GLY A 194 7.25 -13.71 37.14
CA GLY A 194 7.65 -14.63 36.07
C GLY A 194 7.99 -13.99 34.74
N GLU A 195 8.03 -12.66 34.70
CA GLU A 195 8.36 -11.95 33.48
C GLU A 195 9.86 -12.03 33.16
N HIS A 196 10.16 -12.45 31.94
CA HIS A 196 11.51 -12.37 31.38
C HIS A 196 11.53 -11.20 30.40
N SER A 197 12.45 -10.26 30.62
CA SER A 197 12.51 -9.04 29.80
C SER A 197 13.93 -8.60 29.51
N ILE A 198 14.09 -7.87 28.40
CA ILE A 198 15.33 -7.17 28.11
C ILE A 198 15.06 -5.67 28.33
N VAL A 199 15.96 -5.03 29.07
CA VAL A 199 15.81 -3.62 29.45
C VAL A 199 17.00 -2.78 28.99
N TYR A 200 16.71 -1.72 28.23
CA TYR A 200 17.74 -0.81 27.72
C TYR A 200 17.83 0.47 28.54
N LEU A 201 19.03 0.79 28.99
CA LEU A 201 19.23 1.94 29.87
C LEU A 201 20.18 2.98 29.29
N LYS A 202 19.65 4.18 29.07
CA LYS A 202 20.47 5.30 28.66
C LYS A 202 21.28 5.77 29.88
N PRO A 203 22.42 6.46 29.64
CA PRO A 203 23.36 6.70 30.75
C PRO A 203 22.71 7.28 32.00
N SER A 204 21.78 8.22 31.81
CA SER A 204 21.04 8.91 32.88
C SER A 204 20.39 7.97 33.89
N TYR A 205 19.87 6.84 33.40
CA TYR A 205 19.19 5.86 34.24
C TYR A 205 20.10 4.67 34.52
N ALA A 206 21.33 4.75 34.02
CA ALA A 206 22.34 3.75 34.31
C ALA A 206 23.29 4.25 35.40
N PHE A 207 24.59 4.16 35.15
CA PHE A 207 25.58 4.62 36.11
C PHE A 207 26.03 6.06 35.87
N GLY A 208 25.37 6.72 34.91
CA GLY A 208 25.59 8.15 34.64
C GLY A 208 27.04 8.54 34.40
N SER A 209 27.38 9.73 34.88
CA SER A 209 28.70 10.30 34.63
C SER A 209 29.81 9.70 35.51
N VAL A 210 29.44 9.04 36.60
CA VAL A 210 30.42 8.43 37.52
C VAL A 210 31.02 7.17 36.89
N GLY A 211 30.19 6.44 36.16
CA GLY A 211 30.53 5.13 35.65
C GLY A 211 30.48 4.11 36.78
N LYS A 212 30.98 2.92 36.51
CA LYS A 212 31.10 1.90 37.54
C LYS A 212 32.43 1.21 37.31
N GLU A 213 33.40 1.55 38.16
CA GLU A 213 34.77 1.13 37.94
C GLU A 213 34.96 -0.38 37.98
N LYS A 214 34.27 -1.06 38.89
CA LYS A 214 34.50 -2.48 39.06
C LYS A 214 33.90 -3.34 37.96
N PHE A 215 32.87 -2.82 37.29
CA PHE A 215 32.26 -3.52 36.17
C PHE A 215 32.87 -3.11 34.85
N GLN A 216 33.97 -2.37 34.92
CA GLN A 216 34.63 -1.85 33.72
C GLN A 216 33.63 -1.08 32.83
N ILE A 217 32.78 -0.28 33.48
CA ILE A 217 31.85 0.60 32.78
C ILE A 217 32.32 2.07 32.84
N PRO A 218 32.59 2.66 31.66
CA PRO A 218 33.05 4.03 31.55
C PRO A 218 31.97 5.00 31.99
N PRO A 219 32.34 6.26 32.26
CA PRO A 219 31.31 7.27 32.47
C PRO A 219 30.44 7.38 31.22
N ASN A 220 29.15 7.69 31.41
CA ASN A 220 28.23 7.95 30.31
C ASN A 220 28.08 6.74 29.38
N ALA A 221 27.27 5.76 29.80
CA ALA A 221 27.22 4.47 29.12
C ALA A 221 25.83 3.85 29.01
N GLU A 222 25.49 3.42 27.80
CA GLU A 222 24.27 2.65 27.53
C GLU A 222 24.39 1.22 28.03
N LEU A 223 23.37 0.76 28.76
CA LEU A 223 23.38 -0.58 29.31
C LEU A 223 22.20 -1.42 28.87
N LYS A 224 22.48 -2.69 28.57
CA LYS A 224 21.45 -3.69 28.29
C LYS A 224 21.44 -4.69 29.44
N TYR A 225 20.30 -4.80 30.11
CA TYR A 225 20.11 -5.81 31.14
C TYR A 225 19.06 -6.82 30.71
N GLU A 226 19.34 -8.11 30.90
CA GLU A 226 18.35 -9.13 30.67
C GLU A 226 17.96 -9.70 32.02
N LEU A 227 16.71 -9.46 32.43
CA LEU A 227 16.31 -9.86 33.77
C LEU A 227 14.96 -10.57 33.92
N HIS A 228 14.93 -11.46 34.92
CA HIS A 228 13.82 -12.36 35.20
C HIS A 228 13.29 -12.04 36.58
N LEU A 229 11.97 -11.87 36.71
CA LEU A 229 11.38 -11.62 38.01
C LEU A 229 10.67 -12.87 38.54
N LYS A 230 11.29 -13.52 39.52
CA LYS A 230 10.81 -14.79 40.04
C LYS A 230 9.57 -14.65 40.93
N SER A 231 9.69 -13.82 41.97
CA SER A 231 8.61 -13.60 42.93
C SER A 231 8.90 -12.35 43.76
N PHE A 232 7.94 -11.90 44.57
CA PHE A 232 8.13 -10.70 45.39
C PHE A 232 7.11 -10.50 46.51
N GLU A 233 7.53 -9.75 47.53
CA GLU A 233 6.69 -9.39 48.68
C GLU A 233 6.56 -7.88 48.77
N LYS A 234 5.32 -7.38 48.71
CA LYS A 234 5.07 -5.95 48.89
C LYS A 234 5.15 -5.56 50.36
N ALA A 235 5.73 -4.39 50.64
CA ALA A 235 5.87 -3.91 52.01
C ALA A 235 5.23 -2.55 52.22
N GLU B 1 0.88 19.14 2.91
CA GLU B 1 1.02 19.81 1.58
C GLU B 1 1.40 18.82 0.48
N GLY B 2 0.49 18.63 -0.48
CA GLY B 2 0.72 17.78 -1.65
C GLY B 2 0.77 18.59 -2.94
N VAL B 3 1.19 17.96 -4.03
CA VAL B 3 1.33 18.65 -5.31
C VAL B 3 -0.01 18.81 -6.04
N ASP B 4 -0.23 19.99 -6.60
CA ASP B 4 -1.40 20.22 -7.45
C ASP B 4 -1.15 19.63 -8.84
N ILE B 5 -2.01 18.71 -9.26
CA ILE B 5 -1.88 18.06 -10.58
C ILE B 5 -3.05 18.37 -11.54
N SER B 6 -3.94 19.27 -11.11
CA SER B 6 -5.11 19.65 -11.88
C SER B 6 -4.72 20.35 -13.18
N PRO B 7 -5.48 20.11 -14.28
CA PRO B 7 -5.22 20.70 -15.59
C PRO B 7 -5.10 22.22 -15.57
N LYS B 8 -5.98 22.89 -14.83
CA LYS B 8 -6.00 24.35 -14.77
C LYS B 8 -5.03 24.91 -13.75
N GLN B 9 -4.64 24.06 -12.79
CA GLN B 9 -3.88 24.49 -11.61
C GLN B 9 -4.72 25.39 -10.70
N ASP B 10 -5.68 24.77 -10.01
CA ASP B 10 -6.58 25.46 -9.08
C ASP B 10 -6.76 24.63 -7.80
N GLU B 11 -5.81 23.74 -7.56
CA GLU B 11 -5.77 22.91 -6.33
C GLU B 11 -6.98 21.99 -6.18
N GLY B 12 -7.61 21.67 -7.31
CA GLY B 12 -8.78 20.79 -7.31
C GLY B 12 -8.45 19.33 -7.07
N VAL B 13 -7.25 18.93 -7.48
CA VAL B 13 -6.76 17.57 -7.29
C VAL B 13 -5.33 17.63 -6.75
N LEU B 14 -5.14 17.06 -5.56
CA LEU B 14 -3.85 17.12 -4.84
C LEU B 14 -3.25 15.74 -4.67
N LYS B 15 -1.97 15.61 -5.01
CA LYS B 15 -1.31 14.30 -5.09
C LYS B 15 -0.08 14.18 -4.19
N VAL B 16 -0.06 13.16 -3.35
CA VAL B 16 1.14 12.80 -2.59
C VAL B 16 1.54 11.36 -2.92
N ILE B 17 2.79 11.17 -3.32
CA ILE B 17 3.31 9.84 -3.66
C ILE B 17 3.74 9.10 -2.40
N LYS B 18 3.09 7.97 -2.14
CA LYS B 18 3.40 7.15 -0.98
C LYS B 18 4.51 6.15 -1.28
N ARG B 19 4.51 5.64 -2.51
CA ARG B 19 5.57 4.75 -2.96
C ARG B 19 5.83 4.96 -4.44
N GLU B 20 7.11 4.95 -4.80
CA GLU B 20 7.53 5.23 -6.17
C GLU B 20 7.13 4.16 -7.17
N GLY B 21 6.85 4.58 -8.40
CA GLY B 21 6.54 3.64 -9.48
C GLY B 21 7.78 2.99 -10.08
N THR B 22 7.55 2.18 -11.11
CA THR B 22 8.63 1.61 -11.92
C THR B 22 8.38 2.01 -13.37
N GLY B 23 9.40 1.91 -14.22
CA GLY B 23 9.31 2.38 -15.61
C GLY B 23 9.14 3.88 -15.68
N THR B 24 8.83 4.40 -16.87
CA THR B 24 8.62 5.85 -17.03
C THR B 24 7.26 6.19 -17.65
N GLU B 25 6.73 5.25 -18.42
CA GLU B 25 5.44 5.44 -19.09
C GLU B 25 4.29 5.50 -18.10
N MET B 26 3.33 6.37 -18.41
CA MET B 26 2.14 6.57 -17.61
C MET B 26 0.91 6.23 -18.48
N PRO B 27 -0.21 5.84 -17.85
CA PRO B 27 -1.36 5.46 -18.67
C PRO B 27 -1.95 6.65 -19.41
N MET B 28 -2.39 6.42 -20.63
CA MET B 28 -2.93 7.49 -21.46
C MET B 28 -4.41 7.27 -21.80
N ILE B 29 -5.07 8.33 -22.21
CA ILE B 29 -6.47 8.24 -22.63
C ILE B 29 -6.61 7.16 -23.69
N GLY B 30 -7.53 6.23 -23.47
CA GLY B 30 -7.75 5.11 -24.38
C GLY B 30 -7.24 3.79 -23.84
N ASP B 31 -6.38 3.87 -22.82
CA ASP B 31 -5.83 2.69 -22.16
C ASP B 31 -6.81 2.18 -21.12
N ARG B 32 -6.95 0.87 -21.02
CA ARG B 32 -7.62 0.24 -19.88
C ARG B 32 -6.61 0.18 -18.73
N VAL B 33 -6.96 0.75 -17.59
CA VAL B 33 -6.05 0.78 -16.44
C VAL B 33 -6.56 -0.07 -15.29
N PHE B 34 -5.65 -0.78 -14.63
CA PHE B 34 -6.02 -1.69 -13.55
C PHE B 34 -5.50 -1.18 -12.21
N VAL B 35 -6.41 -0.85 -11.30
CA VAL B 35 -6.00 -0.33 -9.99
C VAL B 35 -6.59 -1.11 -8.82
N HIS B 36 -6.05 -0.84 -7.64
CA HIS B 36 -6.70 -1.13 -6.35
C HIS B 36 -6.77 0.18 -5.56
N TYR B 37 -7.89 0.40 -4.87
CA TYR B 37 -8.09 1.66 -4.17
C TYR B 37 -8.81 1.54 -2.83
N THR B 38 -8.55 2.52 -1.97
CA THR B 38 -9.35 2.75 -0.76
C THR B 38 -9.81 4.21 -0.76
N GLY B 39 -11.09 4.42 -0.48
CA GLY B 39 -11.70 5.74 -0.59
C GLY B 39 -12.57 6.16 0.57
N TRP B 40 -12.54 7.46 0.89
CA TRP B 40 -13.28 8.03 2.02
C TRP B 40 -13.59 9.49 1.82
N LEU B 41 -14.77 9.93 2.28
CA LEU B 41 -15.11 11.35 2.30
C LEU B 41 -14.28 12.03 3.37
N LEU B 42 -13.80 13.24 3.07
CA LEU B 42 -12.82 13.94 3.90
C LEU B 42 -13.04 13.77 5.42
N ASP B 43 -14.28 13.99 5.87
CA ASP B 43 -14.59 13.94 7.30
C ASP B 43 -14.46 12.54 7.92
N GLY B 44 -14.73 11.50 7.11
CA GLY B 44 -14.50 10.12 7.53
C GLY B 44 -15.71 9.23 7.76
N THR B 45 -16.90 9.71 7.41
CA THR B 45 -18.15 8.97 7.64
C THR B 45 -18.15 7.58 6.98
N LYS B 46 -18.05 7.56 5.65
CA LYS B 46 -18.10 6.31 4.88
C LYS B 46 -16.79 6.01 4.16
N PHE B 47 -16.38 4.75 4.25
CA PHE B 47 -15.21 4.27 3.52
C PHE B 47 -15.65 3.34 2.40
N ASP B 48 -14.77 3.16 1.44
CA ASP B 48 -14.96 2.17 0.38
C ASP B 48 -13.62 1.68 -0.17
N SER B 49 -13.60 0.43 -0.66
CA SER B 49 -12.39 -0.16 -1.22
C SER B 49 -12.68 -1.21 -2.27
N SER B 50 -11.66 -1.55 -3.05
CA SER B 50 -11.72 -2.64 -4.02
C SER B 50 -11.03 -3.89 -3.50
N LEU B 51 -10.27 -3.75 -2.43
CA LEU B 51 -9.41 -4.82 -1.92
C LEU B 51 -10.10 -6.14 -1.59
N ASP B 52 -11.42 -6.08 -1.38
CA ASP B 52 -12.22 -7.28 -1.14
C ASP B 52 -12.36 -8.18 -2.38
N ARG B 53 -12.43 -7.55 -3.56
CA ARG B 53 -12.46 -8.29 -4.81
C ARG B 53 -11.06 -8.81 -5.09
N LYS B 54 -10.96 -10.07 -5.47
CA LYS B 54 -9.70 -10.67 -5.93
C LYS B 54 -9.26 -9.98 -7.21
N ASP B 55 -10.24 -9.54 -7.99
CA ASP B 55 -10.03 -8.90 -9.27
C ASP B 55 -9.84 -7.38 -9.11
N LYS B 56 -8.78 -6.86 -9.71
CA LYS B 56 -8.48 -5.42 -9.69
C LYS B 56 -9.61 -4.58 -10.28
N PHE B 57 -9.82 -3.39 -9.71
CA PHE B 57 -10.79 -2.44 -10.23
C PHE B 57 -10.23 -1.87 -11.54
N SER B 58 -11.04 -1.84 -12.60
CA SER B 58 -10.53 -1.37 -13.88
C SER B 58 -11.57 -0.64 -14.74
N PHE B 59 -11.12 0.39 -15.43
CA PHE B 59 -11.96 1.24 -16.27
C PHE B 59 -11.17 1.74 -17.47
N ASP B 60 -11.82 2.54 -18.32
CA ASP B 60 -11.18 3.17 -19.47
C ASP B 60 -10.84 4.63 -19.21
N LEU B 61 -9.54 4.89 -19.13
CA LEU B 61 -9.01 6.21 -18.80
C LEU B 61 -9.41 7.27 -19.82
N GLY B 62 -9.85 8.41 -19.31
CA GLY B 62 -10.22 9.54 -20.15
C GLY B 62 -11.62 9.47 -20.74
N LYS B 63 -12.27 8.32 -20.62
CA LYS B 63 -13.60 8.13 -21.22
C LYS B 63 -14.76 8.50 -20.28
N GLY B 64 -14.42 9.15 -19.17
CA GLY B 64 -15.41 9.58 -18.18
C GLY B 64 -16.15 8.45 -17.48
N GLU B 65 -15.52 7.28 -17.37
CA GLU B 65 -16.14 6.14 -16.69
C GLU B 65 -16.07 6.29 -15.17
N VAL B 66 -15.13 7.12 -14.70
CA VAL B 66 -15.01 7.45 -13.27
C VAL B 66 -15.08 8.98 -13.09
N ILE B 67 -15.06 9.46 -11.85
CA ILE B 67 -15.08 10.92 -11.59
C ILE B 67 -13.86 11.61 -12.19
N LYS B 68 -14.01 12.89 -12.50
CA LYS B 68 -12.99 13.66 -13.19
C LYS B 68 -11.62 13.66 -12.49
N ALA B 69 -11.62 13.66 -11.15
CA ALA B 69 -10.36 13.65 -10.41
C ALA B 69 -9.50 12.42 -10.75
N TRP B 70 -10.13 11.25 -10.73
CA TRP B 70 -9.46 9.99 -11.07
C TRP B 70 -8.89 10.03 -12.47
N ASP B 71 -9.74 10.38 -13.44
CA ASP B 71 -9.32 10.54 -14.82
C ASP B 71 -8.07 11.40 -14.95
N ILE B 72 -8.01 12.49 -14.17
CA ILE B 72 -6.87 13.41 -14.19
C ILE B 72 -5.67 12.78 -13.51
N ALA B 73 -5.91 12.28 -12.29
CA ALA B 73 -4.85 11.82 -11.40
C ALA B 73 -4.08 10.62 -11.94
N ILE B 74 -4.80 9.57 -12.31
CA ILE B 74 -4.18 8.31 -12.75
C ILE B 74 -3.20 8.49 -13.94
N ALA B 75 -3.51 9.42 -14.84
CA ALA B 75 -2.63 9.76 -15.95
C ALA B 75 -1.27 10.32 -15.53
N THR B 76 -1.05 10.45 -14.21
CA THR B 76 0.20 10.97 -13.67
C THR B 76 0.96 9.86 -12.92
N MET B 77 0.37 8.67 -12.89
CA MET B 77 0.90 7.55 -12.11
C MET B 77 1.77 6.61 -12.93
N LYS B 78 2.58 5.81 -12.23
CA LYS B 78 3.40 4.76 -12.86
C LYS B 78 3.02 3.38 -12.32
N VAL B 79 3.42 2.32 -13.04
CA VAL B 79 3.19 0.95 -12.58
C VAL B 79 3.96 0.72 -11.29
N GLY B 80 3.23 0.29 -10.26
CA GLY B 80 3.80 0.04 -8.95
C GLY B 80 3.67 1.21 -8.00
N GLU B 81 3.26 2.37 -8.54
CA GLU B 81 3.13 3.60 -7.77
C GLU B 81 1.92 3.56 -6.85
N VAL B 82 2.12 3.97 -5.59
CA VAL B 82 1.01 4.18 -4.64
C VAL B 82 0.94 5.66 -4.29
N CYS B 83 -0.25 6.26 -4.41
CA CYS B 83 -0.42 7.68 -4.06
C CYS B 83 -1.75 8.01 -3.38
N HIS B 84 -1.75 9.13 -2.66
CA HIS B 84 -2.95 9.70 -2.03
C HIS B 84 -3.45 10.87 -2.87
N ILE B 85 -4.75 10.92 -3.14
CA ILE B 85 -5.33 12.08 -3.83
C ILE B 85 -6.53 12.70 -3.12
N THR B 86 -6.43 14.00 -2.86
CA THR B 86 -7.54 14.79 -2.32
C THR B 86 -8.28 15.47 -3.47
N CYS B 87 -9.59 15.28 -3.52
CA CYS B 87 -10.42 15.66 -4.65
C CYS B 87 -11.53 16.61 -4.27
N LYS B 88 -11.33 17.90 -4.56
CA LYS B 88 -12.35 18.92 -4.36
C LYS B 88 -13.61 18.57 -5.15
N PRO B 89 -14.80 18.92 -4.62
CA PRO B 89 -16.11 18.58 -5.21
C PRO B 89 -16.22 18.79 -6.72
N GLU B 90 -15.53 19.80 -7.25
CA GLU B 90 -15.59 20.15 -8.68
C GLU B 90 -15.09 19.05 -9.60
N TYR B 91 -14.25 18.18 -9.04
CA TYR B 91 -13.69 17.05 -9.77
C TYR B 91 -14.24 15.74 -9.22
N ALA B 92 -15.29 15.87 -8.42
CA ALA B 92 -15.96 14.74 -7.80
C ALA B 92 -17.47 14.76 -8.06
N TYR B 93 -18.22 15.47 -7.22
CA TYR B 93 -19.69 15.43 -7.29
C TYR B 93 -20.39 16.79 -7.11
N GLY B 94 -19.61 17.82 -6.80
CA GLY B 94 -20.10 19.20 -6.75
C GLY B 94 -21.28 19.48 -5.83
N SER B 95 -22.13 20.43 -6.25
CA SER B 95 -23.29 20.86 -5.48
C SER B 95 -24.25 19.71 -5.19
N ALA B 96 -24.73 19.08 -6.25
CA ALA B 96 -25.73 18.01 -6.18
C ALA B 96 -25.31 16.89 -5.23
N GLY B 97 -24.06 16.45 -5.39
CA GLY B 97 -23.56 15.27 -4.71
C GLY B 97 -24.11 14.02 -5.37
N SER B 98 -24.34 12.99 -4.56
CA SER B 98 -24.89 11.72 -5.05
C SER B 98 -25.54 10.98 -3.88
N PRO B 99 -26.87 11.18 -3.71
CA PRO B 99 -27.56 10.59 -2.54
C PRO B 99 -27.89 9.12 -2.74
N PRO B 100 -27.90 8.33 -1.64
CA PRO B 100 -27.54 8.81 -0.30
C PRO B 100 -26.04 8.68 -0.01
N LYS B 101 -25.31 8.06 -0.93
CA LYS B 101 -23.90 7.72 -0.75
C LYS B 101 -22.96 8.92 -0.52
N ILE B 102 -23.22 10.03 -1.21
CA ILE B 102 -22.31 11.18 -1.20
C ILE B 102 -23.09 12.48 -0.97
N PRO B 103 -22.80 13.17 0.15
CA PRO B 103 -23.40 14.47 0.50
C PRO B 103 -22.99 15.61 -0.45
N PRO B 104 -23.73 16.75 -0.43
CA PRO B 104 -23.33 17.94 -1.19
C PRO B 104 -21.94 18.45 -0.79
N ASN B 105 -21.27 19.13 -1.72
CA ASN B 105 -19.95 19.75 -1.47
C ASN B 105 -18.91 18.82 -0.83
N ALA B 106 -18.91 17.56 -1.23
CA ALA B 106 -18.03 16.56 -0.63
C ALA B 106 -16.64 16.59 -1.24
N THR B 107 -15.63 16.65 -0.37
CA THR B 107 -14.24 16.48 -0.76
C THR B 107 -13.90 15.02 -0.49
N LEU B 108 -13.38 14.32 -1.49
CA LEU B 108 -13.06 12.91 -1.34
C LEU B 108 -11.55 12.65 -1.39
N VAL B 109 -11.13 11.59 -0.71
CA VAL B 109 -9.72 11.20 -0.69
C VAL B 109 -9.57 9.71 -1.04
N PHE B 110 -8.53 9.39 -1.80
CA PHE B 110 -8.26 8.04 -2.26
C PHE B 110 -6.80 7.66 -2.10
N GLU B 111 -6.55 6.43 -1.65
CA GLU B 111 -5.25 5.80 -1.83
C GLU B 111 -5.35 4.87 -3.03
N VAL B 112 -4.58 5.14 -4.07
CA VAL B 112 -4.66 4.35 -5.29
C VAL B 112 -3.32 3.68 -5.58
N GLU B 113 -3.38 2.42 -6.02
CA GLU B 113 -2.18 1.70 -6.47
C GLU B 113 -2.36 1.23 -7.90
N LEU B 114 -1.42 1.60 -8.78
CA LEU B 114 -1.55 1.29 -10.20
C LEU B 114 -0.79 0.02 -10.57
N PHE B 115 -1.54 -1.01 -10.95
CA PHE B 115 -0.96 -2.31 -11.28
C PHE B 115 -0.60 -2.43 -12.76
N GLU B 116 -1.62 -2.57 -13.61
CA GLU B 116 -1.42 -2.77 -15.05
C GLU B 116 -2.04 -1.60 -15.80
N PHE B 117 -1.65 -1.43 -17.06
CA PHE B 117 -2.43 -0.59 -17.98
C PHE B 117 -2.07 -0.90 -19.43
N LYS B 118 -3.08 -1.09 -20.26
CA LYS B 118 -2.87 -1.52 -21.64
C LYS B 118 -3.90 -0.97 -22.62
N GLY B 119 -3.45 -0.72 -23.84
CA GLY B 119 -4.35 -0.38 -24.93
C GLY B 119 -5.11 -1.61 -25.36
N GLU B 120 -5.70 -1.55 -26.54
CA GLU B 120 -6.52 -2.64 -27.01
C GLU B 120 -5.80 -3.35 -28.15
N ASP B 121 -5.63 -4.66 -28.01
CA ASP B 121 -4.98 -5.47 -29.02
C ASP B 121 -5.94 -5.69 -30.17
N LEU B 122 -5.53 -5.35 -31.39
CA LEU B 122 -6.41 -5.43 -32.54
C LEU B 122 -6.10 -6.59 -33.48
N THR B 123 -5.35 -7.57 -32.99
CA THR B 123 -4.87 -8.65 -33.85
C THR B 123 -5.61 -9.96 -33.60
N GLU B 124 -5.90 -10.68 -34.69
CA GLU B 124 -6.53 -12.01 -34.61
C GLU B 124 -5.74 -12.96 -33.72
N GLU B 125 -4.41 -12.82 -33.75
CA GLU B 125 -3.51 -13.71 -33.02
C GLU B 125 -3.21 -13.27 -31.60
N GLU B 126 -3.68 -12.09 -31.23
CA GLU B 126 -3.44 -11.50 -29.90
C GLU B 126 -1.95 -11.52 -29.52
N ASP B 127 -1.12 -10.97 -30.40
CA ASP B 127 0.32 -10.89 -30.19
C ASP B 127 0.80 -9.47 -29.81
N GLY B 128 -0.16 -8.54 -29.71
CA GLY B 128 0.16 -7.16 -29.38
C GLY B 128 0.82 -6.40 -30.52
N GLY B 129 0.70 -6.95 -31.73
CA GLY B 129 1.31 -6.35 -32.91
C GLY B 129 0.64 -5.06 -33.32
N ILE B 130 -0.66 -4.98 -33.04
CA ILE B 130 -1.43 -3.76 -33.29
C ILE B 130 -2.18 -3.39 -32.03
N ILE B 131 -1.83 -2.24 -31.47
CA ILE B 131 -2.46 -1.76 -30.25
C ILE B 131 -3.12 -0.43 -30.52
N ARG B 132 -4.43 -0.36 -30.26
CA ARG B 132 -5.19 0.87 -30.46
C ARG B 132 -5.60 1.51 -29.14
N ARG B 133 -5.43 2.82 -29.06
CA ARG B 133 -6.11 3.65 -28.04
C ARG B 133 -7.12 4.55 -28.77
N ILE B 134 -8.39 4.43 -28.39
CA ILE B 134 -9.43 5.28 -28.96
C ILE B 134 -9.39 6.65 -28.31
N GLN B 135 -9.32 7.73 -29.11
CA GLN B 135 -9.39 9.09 -28.56
C GLN B 135 -10.82 9.62 -28.59
N THR B 136 -11.46 9.53 -29.75
CA THR B 136 -12.84 9.96 -29.92
C THR B 136 -13.67 8.85 -30.58
N ARG B 137 -14.74 8.44 -29.90
CA ARG B 137 -15.65 7.41 -30.41
C ARG B 137 -16.34 7.82 -31.71
N GLY B 138 -16.53 6.87 -32.62
CA GLY B 138 -17.25 7.12 -33.86
C GLY B 138 -18.74 6.84 -33.76
N GLU B 139 -19.50 7.36 -34.73
CA GLU B 139 -20.93 7.11 -34.84
C GLU B 139 -21.18 5.98 -35.82
N GLY B 140 -22.03 5.04 -35.44
CA GLY B 140 -22.34 3.90 -36.30
C GLY B 140 -21.41 2.73 -36.11
N TYR B 141 -21.92 1.52 -36.27
CA TYR B 141 -21.15 0.30 -36.04
C TYR B 141 -20.42 -0.19 -37.29
N ALA B 142 -20.87 0.31 -38.44
CA ALA B 142 -20.27 -0.02 -39.73
C ALA B 142 -18.77 0.17 -39.72
N LYS B 143 -18.06 -0.87 -40.14
CA LYS B 143 -16.60 -0.88 -40.20
C LYS B 143 -16.15 -1.23 -41.61
N PRO B 144 -15.06 -0.60 -42.09
CA PRO B 144 -14.54 -0.90 -43.42
C PRO B 144 -14.09 -2.35 -43.59
N ASN B 145 -14.21 -2.86 -44.81
CA ASN B 145 -13.77 -4.20 -45.14
C ASN B 145 -12.75 -4.19 -46.27
N GLU B 146 -12.16 -5.35 -46.54
CA GLU B 146 -11.24 -5.51 -47.65
C GLU B 146 -11.94 -5.07 -48.94
N GLY B 147 -11.43 -4.00 -49.55
CA GLY B 147 -11.95 -3.54 -50.84
C GLY B 147 -12.68 -2.22 -50.78
N ALA B 148 -13.00 -1.78 -49.56
CA ALA B 148 -13.70 -0.51 -49.34
C ALA B 148 -12.79 0.67 -49.62
N ILE B 149 -13.39 1.79 -50.00
CA ILE B 149 -12.65 3.02 -50.24
C ILE B 149 -12.78 3.88 -49.00
N VAL B 150 -11.66 4.19 -48.37
CA VAL B 150 -11.66 4.93 -47.10
C VAL B 150 -11.09 6.34 -47.24
N GLU B 151 -11.70 7.30 -46.54
CA GLU B 151 -11.19 8.67 -46.48
C GLU B 151 -10.62 8.92 -45.10
N VAL B 152 -9.29 8.92 -45.04
CA VAL B 152 -8.56 8.96 -43.78
C VAL B 152 -7.62 10.16 -43.69
N ALA B 153 -7.37 10.59 -42.46
CA ALA B 153 -6.34 11.56 -42.17
C ALA B 153 -5.37 10.88 -41.23
N LEU B 154 -4.09 10.87 -41.62
CA LEU B 154 -3.08 10.11 -40.90
C LEU B 154 -1.83 10.91 -40.62
N GLU B 155 -1.25 10.65 -39.44
CA GLU B 155 0.01 11.23 -39.02
C GLU B 155 0.85 10.08 -38.48
N GLY B 156 2.01 9.85 -39.09
CA GLY B 156 2.88 8.76 -38.71
C GLY B 156 4.11 9.24 -37.94
N TYR B 157 4.39 8.59 -36.81
CA TYR B 157 5.53 8.96 -35.98
C TYR B 157 6.50 7.80 -35.77
N TYR B 158 7.78 8.13 -35.75
CA TYR B 158 8.85 7.19 -35.40
C TYR B 158 9.74 7.80 -34.33
N LYS B 159 9.64 7.27 -33.10
CA LYS B 159 10.35 7.82 -31.95
C LYS B 159 10.10 9.33 -31.83
N ASP B 160 8.82 9.70 -31.85
CA ASP B 160 8.36 11.10 -31.69
C ASP B 160 8.60 12.01 -32.90
N LYS B 161 9.39 11.56 -33.86
CA LYS B 161 9.60 12.31 -35.09
C LYS B 161 8.48 11.98 -36.07
N LEU B 162 7.71 12.99 -36.44
CA LEU B 162 6.67 12.86 -37.46
C LEU B 162 7.32 12.60 -38.80
N PHE B 163 6.80 11.65 -39.57
CA PHE B 163 7.40 11.36 -40.87
C PHE B 163 6.42 11.39 -42.04
N ASP B 164 5.13 11.31 -41.73
CA ASP B 164 4.08 11.28 -42.74
C ASP B 164 2.85 12.00 -42.22
N GLN B 165 2.33 12.94 -43.00
CA GLN B 165 1.06 13.60 -42.69
C GLN B 165 0.24 13.81 -43.96
N ARG B 166 -0.83 13.04 -44.10
CA ARG B 166 -1.59 13.00 -45.34
C ARG B 166 -3.10 12.87 -45.14
N GLU B 167 -3.86 13.47 -46.03
CA GLU B 167 -5.30 13.24 -46.15
C GLU B 167 -5.52 12.61 -47.51
N LEU B 168 -5.94 11.35 -47.54
CA LEU B 168 -6.16 10.69 -48.82
C LEU B 168 -7.31 9.70 -48.83
N ARG B 169 -7.84 9.47 -50.02
CA ARG B 169 -8.84 8.45 -50.28
C ARG B 169 -8.15 7.25 -50.94
N PHE B 170 -8.37 6.04 -50.41
CA PHE B 170 -7.78 4.82 -51.01
C PHE B 170 -8.58 3.54 -50.73
N GLU B 171 -8.37 2.54 -51.58
CA GLU B 171 -8.98 1.22 -51.43
C GLU B 171 -8.16 0.36 -50.48
N ILE B 172 -8.82 -0.21 -49.47
CA ILE B 172 -8.19 -1.18 -48.59
C ILE B 172 -7.68 -2.36 -49.40
N GLY B 173 -6.41 -2.68 -49.21
CA GLY B 173 -5.74 -3.73 -49.97
C GLY B 173 -4.73 -3.18 -50.93
N GLU B 174 -4.90 -1.91 -51.30
CA GLU B 174 -3.97 -1.22 -52.20
C GLU B 174 -3.19 -0.10 -51.47
N GLY B 175 -3.04 -0.26 -50.16
CA GLY B 175 -2.37 0.75 -49.34
C GLY B 175 -0.86 0.71 -49.44
N GLU B 176 -0.32 -0.47 -49.73
CA GLU B 176 1.11 -0.68 -49.86
C GLU B 176 1.73 0.25 -50.91
N ASN B 177 1.04 0.42 -52.04
CA ASN B 177 1.44 1.33 -53.12
C ASN B 177 1.55 2.79 -52.69
N LEU B 178 0.97 3.14 -51.55
CA LEU B 178 0.92 4.52 -51.07
C LEU B 178 1.76 4.70 -49.80
N ASP B 179 2.66 3.75 -49.55
CA ASP B 179 3.54 3.74 -48.38
C ASP B 179 2.77 3.65 -47.06
N LEU B 180 1.74 2.83 -47.05
CA LEU B 180 1.01 2.55 -45.81
C LEU B 180 1.21 1.11 -45.39
N PRO B 181 1.66 0.90 -44.14
CA PRO B 181 1.94 -0.43 -43.60
C PRO B 181 0.69 -1.29 -43.49
N TYR B 182 0.88 -2.61 -43.56
CA TYR B 182 -0.20 -3.58 -43.36
C TYR B 182 -0.98 -3.30 -42.07
N GLY B 183 -0.27 -3.01 -40.99
CA GLY B 183 -0.88 -2.80 -39.68
C GLY B 183 -1.92 -1.69 -39.67
N LEU B 184 -1.64 -0.62 -40.39
CA LEU B 184 -2.56 0.50 -40.48
C LEU B 184 -3.85 0.10 -41.21
N GLU B 185 -3.70 -0.52 -42.38
CA GLU B 185 -4.85 -1.01 -43.14
C GLU B 185 -5.77 -1.88 -42.27
N ARG B 186 -5.15 -2.68 -41.39
CA ARG B 186 -5.87 -3.58 -40.49
C ARG B 186 -6.54 -2.84 -39.35
N ALA B 187 -5.89 -1.79 -38.87
CA ALA B 187 -6.46 -0.94 -37.85
C ALA B 187 -7.69 -0.20 -38.37
N ILE B 188 -7.62 0.27 -39.61
CA ILE B 188 -8.73 0.99 -40.22
C ILE B 188 -9.96 0.09 -40.32
N GLN B 189 -9.74 -1.18 -40.67
CA GLN B 189 -10.83 -2.15 -40.76
C GLN B 189 -11.49 -2.42 -39.40
N ARG B 190 -10.96 -1.79 -38.36
CA ARG B 190 -11.53 -1.91 -37.02
C ARG B 190 -12.07 -0.58 -36.51
N MET B 191 -12.04 0.44 -37.36
CA MET B 191 -12.51 1.74 -36.93
C MET B 191 -13.91 2.01 -37.47
N GLU B 192 -14.58 3.00 -36.88
CA GLU B 192 -15.92 3.36 -37.29
C GLU B 192 -15.89 4.81 -37.77
N LYS B 193 -16.88 5.19 -38.59
CA LYS B 193 -16.97 6.52 -39.16
C LYS B 193 -16.85 7.60 -38.08
N GLY B 194 -15.85 8.46 -38.25
CA GLY B 194 -15.65 9.60 -37.37
C GLY B 194 -14.75 9.32 -36.18
N GLU B 195 -14.19 8.10 -36.14
CA GLU B 195 -13.33 7.68 -35.03
C GLU B 195 -11.94 8.32 -35.11
N HIS B 196 -11.47 8.86 -33.98
CA HIS B 196 -10.10 9.36 -33.85
C HIS B 196 -9.34 8.43 -32.90
N SER B 197 -8.25 7.85 -33.38
CA SER B 197 -7.48 6.86 -32.62
C SER B 197 -5.98 6.95 -32.82
N ILE B 198 -5.27 6.42 -31.84
CA ILE B 198 -3.83 6.30 -31.93
C ILE B 198 -3.49 4.80 -32.00
N VAL B 199 -2.66 4.44 -32.98
CA VAL B 199 -2.28 3.04 -33.16
C VAL B 199 -0.77 2.80 -33.06
N TYR B 200 -0.43 1.67 -32.44
CA TYR B 200 0.95 1.23 -32.28
C TYR B 200 1.20 -0.04 -33.10
N LEU B 201 2.25 0.01 -33.93
CA LEU B 201 2.60 -1.11 -34.80
C LEU B 201 3.99 -1.67 -34.49
N LYS B 202 4.04 -2.93 -34.06
CA LYS B 202 5.29 -3.67 -33.91
C LYS B 202 5.83 -3.95 -35.31
N PRO B 203 7.18 -4.08 -35.47
CA PRO B 203 7.77 -4.12 -36.81
C PRO B 203 7.10 -5.12 -37.76
N SER B 204 6.77 -6.31 -37.28
CA SER B 204 6.04 -7.33 -38.06
C SER B 204 4.82 -6.78 -38.80
N TYR B 205 4.24 -5.69 -38.27
CA TYR B 205 3.08 -5.01 -38.87
C TYR B 205 3.42 -3.61 -39.34
N ALA B 206 4.69 -3.22 -39.23
CA ALA B 206 5.13 -1.93 -39.74
C ALA B 206 5.86 -2.14 -41.06
N PHE B 207 7.11 -1.70 -41.15
CA PHE B 207 7.87 -1.92 -42.37
C PHE B 207 8.89 -3.05 -42.23
N GLY B 208 8.74 -3.80 -41.14
CA GLY B 208 9.49 -5.05 -40.87
C GLY B 208 10.97 -5.08 -41.16
N SER B 209 11.41 -6.18 -41.75
CA SER B 209 12.81 -6.46 -42.03
C SER B 209 13.37 -5.53 -43.11
N VAL B 210 12.47 -4.83 -43.81
CA VAL B 210 12.85 -3.96 -44.91
C VAL B 210 13.12 -2.53 -44.44
N GLY B 211 12.18 -1.95 -43.71
CA GLY B 211 12.24 -0.54 -43.33
C GLY B 211 11.73 0.33 -44.48
N LYS B 212 11.62 1.63 -44.23
CA LYS B 212 11.15 2.55 -45.26
C LYS B 212 12.06 3.78 -45.33
N GLU B 213 12.92 3.78 -46.34
CA GLU B 213 13.96 4.79 -46.46
C GLU B 213 13.42 6.20 -46.71
N LYS B 214 12.42 6.31 -47.59
CA LYS B 214 11.89 7.63 -47.96
C LYS B 214 11.29 8.39 -46.77
N PHE B 215 11.00 7.66 -45.69
CA PHE B 215 10.52 8.24 -44.44
C PHE B 215 11.60 8.22 -43.37
N GLN B 216 12.75 7.63 -43.71
CA GLN B 216 13.91 7.50 -42.81
C GLN B 216 13.64 6.60 -41.61
N ILE B 217 12.87 5.55 -41.87
CA ILE B 217 12.55 4.54 -40.87
C ILE B 217 13.40 3.31 -41.13
N PRO B 218 14.30 2.98 -40.18
CA PRO B 218 15.21 1.86 -40.36
C PRO B 218 14.46 0.54 -40.27
N PRO B 219 15.12 -0.57 -40.69
CA PRO B 219 14.54 -1.90 -40.45
C PRO B 219 14.30 -2.12 -38.96
N ASN B 220 13.25 -2.87 -38.64
CA ASN B 220 12.85 -3.13 -37.26
C ASN B 220 12.55 -1.86 -36.45
N ALA B 221 11.34 -1.36 -36.60
CA ALA B 221 10.94 -0.12 -35.97
C ALA B 221 9.48 -0.18 -35.50
N GLU B 222 9.26 0.21 -34.25
CA GLU B 222 7.91 0.42 -33.73
C GLU B 222 7.39 1.76 -34.25
N LEU B 223 6.16 1.75 -34.74
CA LEU B 223 5.55 2.94 -35.32
C LEU B 223 4.31 3.40 -34.55
N LYS B 224 4.14 4.72 -34.48
CA LYS B 224 2.96 5.32 -33.88
C LYS B 224 2.19 6.12 -34.95
N TYR B 225 0.98 5.66 -35.27
CA TYR B 225 0.11 6.40 -36.18
C TYR B 225 -1.08 7.02 -35.46
N GLU B 226 -1.38 8.26 -35.81
CA GLU B 226 -2.54 8.96 -35.24
C GLU B 226 -3.54 9.23 -36.37
N LEU B 227 -4.66 8.48 -36.38
CA LEU B 227 -5.52 8.56 -37.55
C LEU B 227 -7.02 8.79 -37.30
N HIS B 228 -7.61 9.56 -38.21
CA HIS B 228 -9.04 9.85 -38.25
C HIS B 228 -9.68 9.09 -39.40
N LEU B 229 -10.79 8.40 -39.14
CA LEU B 229 -11.54 7.79 -40.22
C LEU B 229 -12.75 8.66 -40.54
N LYS B 230 -12.67 9.40 -41.64
CA LYS B 230 -13.69 10.37 -41.99
C LYS B 230 -14.92 9.74 -42.62
N SER B 231 -14.74 9.07 -43.76
CA SER B 231 -15.85 8.40 -44.45
C SER B 231 -15.39 7.15 -45.17
N PHE B 232 -16.34 6.31 -45.59
CA PHE B 232 -16.03 5.09 -46.35
C PHE B 232 -17.25 4.45 -47.01
N GLU B 233 -16.99 3.71 -48.09
CA GLU B 233 -18.01 2.98 -48.84
C GLU B 233 -17.65 1.51 -48.90
N LYS B 234 -18.44 0.66 -48.24
CA LYS B 234 -18.16 -0.79 -48.17
C LYS B 234 -18.13 -1.48 -49.54
N ALA B 235 -17.33 -2.54 -49.63
CA ALA B 235 -17.07 -3.22 -50.91
C ALA B 235 -18.27 -4.04 -51.39
CCR 37M C . -13.36 -1.80 23.42
CCU 37M C . -13.86 -0.73 22.69
CBA 37M C . -15.21 -0.66 22.36
CAY 37M C . -15.71 0.43 21.63
CCS 37M C . -14.84 1.44 21.22
OAJ 37M C . -15.27 2.40 20.57
CBF 37M C . -13.48 1.37 21.53
CCT 37M C . -12.99 0.30 22.26
OBZ 37M C . -11.65 0.23 22.58
CCW 37M C . -11.20 -0.74 23.43
CCV 37M C . -12.05 -1.76 23.86
CAZ 37M C . -11.56 -2.73 24.73
CAX 37M C . -10.24 -2.67 25.17
CCF 37M C . -9.40 -1.64 24.74
OAL 37M C . -8.09 -1.56 25.15
CCP 37M C . -9.86 -0.66 23.86
CBL 37M C . -9.04 0.38 23.41
NBR 37M C . -8.65 0.12 22.01
CCB 37M C . -8.17 1.05 21.17
OAG 37M C . -7.98 2.23 21.46
CBM 37M C . -7.84 0.54 19.77
OBX 37M C . -8.48 1.35 18.77
CCG 37M C . -9.64 0.82 18.27
CBC 37M C . -9.96 -0.53 18.39
CAR 37M C . -10.53 1.69 17.62
CAQ 37M C . -11.71 1.18 17.10
CAT 37M C . -12.03 -0.18 17.22
CCH 37M C . -11.16 -1.05 17.89
CCY 37M C . -11.44 -2.45 18.00
CBP 37M C . -12.69 -2.82 18.86
CBK 37M C . -12.39 -2.98 20.37
CCE 37M C . -12.22 -4.29 20.88
CBB 37M C . -13.01 -5.40 20.56
CAS 37M C . -11.19 -4.47 21.81
CAW 37M C . -10.93 -5.71 22.39
CCJ 37M C . -11.72 -6.82 22.06
OBS 37M C . -11.51 -8.07 22.60
CAA 37M C . -11.58 -8.13 24.06
CCK 37M C . -12.77 -6.67 21.15
OBT 37M C . -13.51 -7.79 20.84
CAB 37M C . -14.55 -8.13 21.78
OBY 37M C . -11.55 -3.00 16.68
C 37M C . -10.45 -3.69 16.22
O 37M C . -9.59 -4.15 16.96
CA 37M C . -10.38 -3.89 14.83
CB 37M C . -8.92 -3.97 14.37
CBI 37M C . -8.28 -2.58 14.43
CBJ 37M C . -8.97 -1.67 13.44
CBQ 37M C . -10.46 -1.54 13.77
N 37M C . -11.12 -2.86 14.04
CCD 37M C . -12.37 -3.15 13.62
OAI 37M C . -12.92 -4.24 13.85
CDA 37M C . -13.14 -2.09 12.81
CCX 37M C . -14.10 -2.76 11.79
CBN 37M C . -14.98 -1.73 11.04
CBH 37M C . -15.85 -2.44 10.02
CBG 37M C . -14.99 -3.17 8.99
CAM 37M C . -13.85 -3.77 9.55
CAN 37M C . -13.41 -3.55 10.87
CCI 37M C . -13.83 -1.25 13.69
CBE 37M C . -14.81 -1.74 14.57
CBD 37M C . -13.53 0.12 13.69
CCL 37M C . -14.22 0.99 14.56
OBU 37M C . -13.96 2.33 14.60
CAC 37M C . -14.37 3.02 13.40
CCQ 37M C . -15.18 0.47 15.42
OBW 37M C . -15.86 1.32 16.26
CAE 37M C . -15.26 1.45 17.55
CCM 37M C . -15.50 -0.89 15.43
OBV 37M C . -16.47 -1.31 16.29
CAD 37M C . -16.04 -2.31 17.23
CCR 37M D . -24.02 3.98 -12.48
CCU 37M D . -23.49 2.79 -11.96
CBA 37M D . -23.98 2.29 -10.74
CAY 37M D . -23.44 1.10 -10.24
CCS 37M D . -22.44 0.42 -10.93
OAJ 37M D . -21.98 -0.63 -10.46
CBF 37M D . -21.97 0.91 -12.14
CCT 37M D . -22.49 2.10 -12.64
OBZ 37M D . -22.04 2.61 -13.84
CCW 37M D . -22.28 3.93 -14.15
CCV 37M D . -23.29 4.63 -13.46
CAZ 37M D . -23.53 5.98 -13.77
CAX 37M D . -22.76 6.60 -14.76
CCF 37M D . -21.76 5.88 -15.44
OAL 37M D . -20.99 6.46 -16.40
CCP 37M D . -21.50 4.54 -15.14
CBL 37M D . -20.51 3.81 -15.81
NBR 37M D . -19.33 3.61 -14.94
CCB 37M D . -18.93 2.41 -14.48
OAG 37M D . -19.50 1.34 -14.72
CBM 37M D . -17.67 2.43 -13.60
OBX 37M D . -17.81 1.58 -12.45
CCG 37M D . -17.94 2.23 -11.24
CBC 37M D . -17.87 3.63 -11.15
CAR 37M D . -18.16 1.49 -10.08
CAQ 37M D . -18.30 2.13 -8.85
CAT 37M D . -18.23 3.52 -8.77
CCH 37M D . -18.02 4.29 -9.92
CCY 37M D . -17.94 5.69 -9.87
CBP 37M D . -19.33 6.35 -9.85
CBK 37M D . -19.93 6.46 -11.26
CCE 37M D . -19.66 7.67 -11.89
CBB 37M D . -19.97 8.90 -11.31
CAS 37M D . -19.07 7.66 -13.16
CAW 37M D . -18.77 8.84 -13.84
CCJ 37M D . -19.09 10.06 -13.25
OBS 37M D . -18.83 11.26 -13.86
CAA 37M D . -19.80 11.57 -14.88
CCK 37M D . -19.68 10.10 -11.99
OBT 37M D . -19.95 11.33 -11.45
CAB 37M D . -21.33 11.73 -11.59
OBY 37M D . -17.22 6.12 -8.69
C 37M D . -16.06 6.84 -8.89
O 37M D . -15.83 7.50 -9.91
CA 37M D . -15.13 6.82 -7.83
CB 37M D . -13.73 6.41 -8.32
CBI 37M D . -13.71 4.91 -8.61
CBJ 37M D . -13.97 4.14 -7.31
CBQ 37M D . -15.33 4.50 -6.71
N 37M D . -15.60 5.97 -6.69
CCD 37M D . -16.31 6.57 -5.71
OAI 37M D . -16.54 7.78 -5.71
CDA 37M D . -16.84 5.70 -4.55
CCX 37M D . -16.97 6.56 -3.24
CBN 37M D . -17.51 5.73 -2.04
CBH 37M D . -17.53 6.58 -0.77
CBG 37M D . -16.12 7.07 -0.43
CAM 37M D . -15.40 7.48 -1.56
CAN 37M D . -15.79 7.22 -2.88
CCI 37M D . -18.09 5.10 -4.85
CBE 37M D . -19.19 5.88 -5.24
CBD 37M D . -18.25 3.71 -4.75
CCL 37M D . -19.47 3.09 -5.03
OBU 37M D . -19.71 1.74 -4.95
CAC 37M D . -18.56 0.89 -4.96
CCQ 37M D . -20.55 3.89 -5.42
OBW 37M D . -21.75 3.29 -5.69
CAE 37M D . -21.88 2.91 -7.07
CCM 37M D . -20.43 5.28 -5.53
OBV 37M D . -21.54 5.97 -5.91
CAD 37M D . -21.29 6.99 -6.89
#